data_4DFB
#
_entry.id   4DFB
#
_cell.length_a   42.669
_cell.length_b   101.153
_cell.length_c   71.701
_cell.angle_alpha   90.00
_cell.angle_beta   98.33
_cell.angle_gamma   90.00
#
_symmetry.space_group_name_H-M   'P 1 21 1'
#
loop_
_entity.id
_entity.type
_entity.pdbx_description
1 polymer APH(2")-Id
2 non-polymer 'KANAMYCIN A'
3 non-polymer 'CHLORIDE ION'
4 water water
#
_entity_poly.entity_id   1
_entity_poly.type   'polypeptide(L)'
_entity_poly.pdbx_seq_one_letter_code
;(MSE)GSSHHHHHHSSGRENLYFQG(MSE)RTYTFDQVEKAIEQLYPDFTINTIEISGEGNDCIAYEINRDFIFKFPKHS
RGSTNLFNEVNILKRIHNKLPLPIPEVVFTG(MSE)PSETYQ(MSE)SFAGFTKIKGVPLTPLLLNNLPKQSQNQAAKDL
ARFLSELHSINISGFKSNLVLDFREKINEDNKKIKKLLSRELKGPQ(MSE)KKVDDFYRDILENEIYFKYYPCLIHNDFS
SDHILFDTEKNTICGIIDFGDAAISDPDNDFISL(MSE)EDDEEYG(MSE)EFVSKILNHYKHKDIPTVLEKYR(MSE)K
EKYWSFEKIIYGKEYGY(MSE)DWYEEGLNEIRSIKIK
;
_entity_poly.pdbx_strand_id   A,B
#
# COMPACT_ATOMS: atom_id res chain seq x y z
N ARG A 23 -14.12 7.21 10.07
CA ARG A 23 -14.09 7.44 11.51
C ARG A 23 -13.79 8.87 11.91
N THR A 24 -14.19 9.20 13.13
CA THR A 24 -13.90 10.49 13.74
C THR A 24 -13.24 10.24 15.09
N TYR A 25 -12.73 11.30 15.71
CA TYR A 25 -12.06 11.17 16.99
C TYR A 25 -12.50 12.26 17.96
N THR A 26 -12.51 11.92 19.24
CA THR A 26 -12.68 12.92 20.29
C THR A 26 -11.28 13.38 20.68
N PHE A 27 -11.20 14.55 21.32
CA PHE A 27 -9.91 15.03 21.82
C PHE A 27 -9.36 14.03 22.83
N ASP A 28 -10.28 13.36 23.54
CA ASP A 28 -9.92 12.35 24.52
C ASP A 28 -9.19 11.18 23.86
N GLN A 29 -9.68 10.75 22.70
CA GLN A 29 -9.06 9.66 21.95
C GLN A 29 -7.70 10.06 21.41
N VAL A 30 -7.62 11.26 20.86
CA VAL A 30 -6.38 11.78 20.29
C VAL A 30 -5.28 11.82 21.35
N GLU A 31 -5.61 12.37 22.50
CA GLU A 31 -4.65 12.47 23.61
C GLU A 31 -4.22 11.10 24.11
N LYS A 32 -5.15 10.15 24.09
CA LYS A 32 -4.85 8.78 24.54
C LYS A 32 -3.89 8.09 23.59
N ALA A 33 -4.15 8.22 22.29
CA ALA A 33 -3.34 7.56 21.28
C ALA A 33 -1.89 8.07 21.31
N ILE A 34 -1.73 9.37 21.53
CA ILE A 34 -0.41 9.97 21.58
C ILE A 34 0.34 9.60 22.86
N GLU A 35 -0.38 9.60 23.97
CA GLU A 35 0.21 9.28 25.27
C GLU A 35 0.76 7.85 25.29
N GLN A 36 0.07 6.96 24.58
CA GLN A 36 0.46 5.55 24.53
C GLN A 36 1.86 5.38 23.94
N LEU A 37 2.21 6.23 22.98
CA LEU A 37 3.50 6.15 22.33
C LEU A 37 4.47 7.24 22.79
N TYR A 38 3.92 8.35 23.25
CA TYR A 38 4.72 9.48 23.71
C TYR A 38 4.24 9.99 25.07
N PRO A 39 4.55 9.25 26.13
CA PRO A 39 4.07 9.51 27.50
C PRO A 39 4.58 10.84 28.06
N ASP A 40 5.82 11.18 27.73
CA ASP A 40 6.44 12.38 28.28
C ASP A 40 5.97 13.64 27.57
N PHE A 41 5.40 13.48 26.38
CA PHE A 41 4.89 14.61 25.63
C PHE A 41 3.65 15.19 26.28
N THR A 42 3.81 16.33 26.93
CA THR A 42 2.71 16.98 27.65
C THR A 42 1.82 17.80 26.70
N ILE A 43 0.54 17.43 26.63
CA ILE A 43 -0.40 18.16 25.82
C ILE A 43 -1.16 19.20 26.65
N ASN A 44 -0.96 20.47 26.32
CA ASN A 44 -1.63 21.56 27.02
C ASN A 44 -2.89 22.03 26.29
N THR A 45 -2.76 22.22 24.99
CA THR A 45 -3.88 22.68 24.17
C THR A 45 -4.06 21.79 22.94
N ILE A 46 -5.32 21.55 22.58
CA ILE A 46 -5.62 20.76 21.39
C ILE A 46 -6.94 21.24 20.78
N GLU A 47 -6.91 21.52 19.47
CA GLU A 47 -8.10 21.95 18.76
C GLU A 47 -8.07 21.50 17.29
N ILE A 48 -9.24 21.43 16.67
CA ILE A 48 -9.34 21.07 15.27
C ILE A 48 -8.70 22.15 14.41
N SER A 49 -7.61 21.81 13.74
CA SER A 49 -6.94 22.74 12.85
C SER A 49 -7.62 22.76 11.48
N GLY A 50 -8.05 21.59 11.04
CA GLY A 50 -8.71 21.46 9.75
C GLY A 50 -9.11 20.02 9.48
N GLU A 51 -9.67 19.79 8.31
CA GLU A 51 -10.10 18.45 7.91
C GLU A 51 -10.14 18.31 6.39
N GLY A 52 -9.57 17.23 5.89
CA GLY A 52 -9.59 16.92 4.47
C GLY A 52 -10.36 15.65 4.19
N ASN A 53 -10.16 15.10 3.00
CA ASN A 53 -10.82 13.85 2.63
C ASN A 53 -10.17 12.64 3.30
N ASP A 54 -8.90 12.79 3.66
CA ASP A 54 -8.12 11.67 4.20
C ASP A 54 -7.99 11.72 5.72
N CYS A 55 -7.63 12.89 6.25
CA CYS A 55 -7.35 13.02 7.68
C CYS A 55 -8.02 14.23 8.33
N ILE A 56 -8.15 14.15 9.65
CA ILE A 56 -8.52 15.30 10.46
C ILE A 56 -7.24 15.85 11.08
N ALA A 57 -7.05 17.16 11.00
CA ALA A 57 -5.83 17.78 11.52
C ALA A 57 -6.07 18.44 12.88
N TYR A 58 -5.23 18.08 13.85
CA TYR A 58 -5.30 18.67 15.18
C TYR A 58 -4.07 19.51 15.48
N GLU A 59 -4.28 20.75 15.88
CA GLU A 59 -3.18 21.60 16.32
C GLU A 59 -2.95 21.40 17.81
N ILE A 60 -1.75 20.95 18.16
CA ILE A 60 -1.43 20.63 19.55
C ILE A 60 -0.30 21.50 20.10
N ASN A 61 -0.56 22.14 21.24
CA ASN A 61 0.37 23.07 21.87
C ASN A 61 0.79 24.23 20.96
N ARG A 62 0.00 24.46 19.92
CA ARG A 62 0.31 25.46 18.89
C ARG A 62 1.72 25.30 18.33
N ASP A 63 2.23 24.07 18.34
CA ASP A 63 3.58 23.78 17.86
C ASP A 63 3.55 22.68 16.81
N PHE A 64 2.54 21.82 16.88
CA PHE A 64 2.47 20.66 16.01
C PHE A 64 1.10 20.46 15.36
N ILE A 65 1.10 19.85 14.19
CA ILE A 65 -0.12 19.44 13.53
C ILE A 65 -0.19 17.92 13.51
N PHE A 66 -1.13 17.36 14.26
CA PHE A 66 -1.33 15.91 14.30
C PHE A 66 -2.43 15.49 13.36
N LYS A 67 -2.08 14.61 12.41
CA LYS A 67 -3.06 14.10 11.47
C LYS A 67 -3.54 12.70 11.83
N PHE A 68 -4.86 12.57 11.99
CA PHE A 68 -5.48 11.28 12.25
C PHE A 68 -6.34 10.86 11.06
N PRO A 69 -6.13 9.64 10.55
CA PRO A 69 -6.84 9.13 9.38
C PRO A 69 -8.34 8.95 9.65
N LYS A 70 -9.16 9.41 8.72
CA LYS A 70 -10.60 9.26 8.81
C LYS A 70 -11.02 7.86 8.39
N HIS A 71 -10.14 7.20 7.63
CA HIS A 71 -10.39 5.84 7.17
C HIS A 71 -9.10 5.15 6.76
N SER A 72 -9.22 3.89 6.32
CA SER A 72 -8.06 3.09 5.93
CA SER A 72 -8.05 3.10 5.93
C SER A 72 -7.31 3.72 4.75
N ARG A 73 -8.07 4.19 3.77
CA ARG A 73 -7.48 4.81 2.58
C ARG A 73 -6.68 6.05 2.95
N GLY A 74 -7.25 6.86 3.83
CA GLY A 74 -6.60 8.08 4.29
C GLY A 74 -5.30 7.79 5.05
N SER A 75 -5.29 6.66 5.75
CA SER A 75 -4.10 6.26 6.51
CA SER A 75 -4.10 6.26 6.51
C SER A 75 -2.95 5.91 5.58
N THR A 76 -3.28 5.40 4.40
CA THR A 76 -2.28 5.05 3.40
C THR A 76 -1.67 6.34 2.86
N ASN A 77 -2.51 7.34 2.62
CA ASN A 77 -2.05 8.66 2.22
C ASN A 77 -1.16 9.27 3.29
N LEU A 78 -1.57 9.12 4.55
CA LEU A 78 -0.80 9.61 5.68
C LEU A 78 0.55 8.92 5.76
N PHE A 79 0.53 7.60 5.55
CA PHE A 79 1.76 6.79 5.57
C PHE A 79 2.73 7.27 4.49
N ASN A 80 2.20 7.58 3.32
CA ASN A 80 3.01 8.05 2.21
C ASN A 80 3.56 9.45 2.44
N GLU A 81 2.75 10.33 3.02
CA GLU A 81 3.19 11.68 3.33
C GLU A 81 4.37 11.65 4.29
N VAL A 82 4.27 10.79 5.31
CA VAL A 82 5.34 10.61 6.27
C VAL A 82 6.62 10.13 5.59
N ASN A 83 6.48 9.09 4.76
CA ASN A 83 7.60 8.54 4.01
C ASN A 83 8.27 9.59 3.13
N ILE A 84 7.46 10.31 2.36
CA ILE A 84 7.97 11.32 1.44
C ILE A 84 8.61 12.51 2.16
N LEU A 85 7.94 13.02 3.18
CA LEU A 85 8.45 14.17 3.94
C LEU A 85 9.79 13.88 4.63
N LYS A 86 9.98 12.63 5.04
CA LYS A 86 11.21 12.23 5.71
C LYS A 86 12.42 12.19 4.78
N ARG A 87 12.20 11.76 3.53
CA ARG A 87 13.31 11.61 2.59
C ARG A 87 13.62 12.88 1.80
N ILE A 88 12.69 13.84 1.81
CA ILE A 88 12.93 15.13 1.15
C ILE A 88 13.24 16.21 2.18
N HIS A 89 13.44 15.79 3.42
CA HIS A 89 13.82 16.69 4.50
C HIS A 89 15.13 17.40 4.20
N ASN A 90 15.13 18.72 4.38
CA ASN A 90 16.31 19.55 4.17
C ASN A 90 16.86 19.50 2.74
N LYS A 91 15.95 19.43 1.76
CA LYS A 91 16.33 19.40 0.35
C LYS A 91 15.60 20.49 -0.44
N LEU A 92 14.69 21.20 0.22
CA LEU A 92 13.85 22.19 -0.46
C LEU A 92 14.11 23.61 0.04
N PRO A 93 13.97 24.60 -0.84
CA PRO A 93 14.27 26.00 -0.51
C PRO A 93 13.19 26.68 0.34
N LEU A 94 12.05 26.01 0.52
CA LEU A 94 10.99 26.52 1.38
C LEU A 94 10.72 25.54 2.50
N PRO A 95 10.36 26.05 3.69
CA PRO A 95 10.03 25.20 4.83
C PRO A 95 8.86 24.27 4.52
N ILE A 96 9.00 22.99 4.90
CA ILE A 96 7.95 22.00 4.74
C ILE A 96 7.76 21.31 6.09
N PRO A 97 6.58 20.71 6.31
CA PRO A 97 6.35 20.01 7.59
C PRO A 97 7.40 18.93 7.83
N GLU A 98 7.88 18.84 9.07
CA GLU A 98 8.83 17.81 9.45
C GLU A 98 8.19 16.81 10.40
N VAL A 99 8.38 15.53 10.11
CA VAL A 99 7.81 14.47 10.94
C VAL A 99 8.49 14.42 12.31
N VAL A 100 7.69 14.55 13.36
CA VAL A 100 8.21 14.53 14.71
C VAL A 100 7.66 13.34 15.49
N PHE A 101 6.38 13.06 15.30
CA PHE A 101 5.72 11.94 15.96
C PHE A 101 5.10 11.01 14.93
N THR A 102 5.16 9.71 15.19
CA THR A 102 4.52 8.72 14.32
C THR A 102 3.69 7.73 15.14
N GLY A 103 2.62 7.23 14.51
CA GLY A 103 1.76 6.26 15.15
C GLY A 103 2.19 4.85 14.82
N PRO A 105 0.99 0.88 12.95
CA PRO A 105 0.06 0.18 12.05
C PRO A 105 -0.92 -0.69 12.82
N SER A 106 -2.13 -0.82 12.32
CA SER A 106 -3.13 -1.74 12.86
C SER A 106 -3.69 -2.55 11.70
N GLU A 107 -4.75 -3.31 11.95
CA GLU A 107 -5.39 -4.06 10.88
C GLU A 107 -6.29 -3.12 10.08
N THR A 108 -6.50 -1.92 10.61
CA THR A 108 -7.35 -0.93 9.96
C THR A 108 -6.51 0.17 9.30
N TYR A 109 -5.48 0.63 10.00
CA TYR A 109 -4.64 1.71 9.50
C TYR A 109 -3.19 1.29 9.28
N GLN A 110 -2.57 1.82 8.24
CA GLN A 110 -1.14 1.64 8.02
C GLN A 110 -0.39 2.58 8.96
N SER A 112 -1.54 4.98 12.38
CA SER A 112 -2.59 5.41 13.29
C SER A 112 -2.66 6.92 13.43
N PHE A 113 -1.50 7.57 13.36
CA PHE A 113 -1.42 9.04 13.34
C PHE A 113 0.00 9.50 12.99
N ALA A 114 0.15 10.80 12.80
CA ALA A 114 1.46 11.40 12.54
C ALA A 114 1.48 12.84 13.03
N GLY A 115 2.57 13.21 13.71
CA GLY A 115 2.73 14.56 14.21
C GLY A 115 3.79 15.31 13.45
N PHE A 116 3.41 16.44 12.88
CA PHE A 116 4.32 17.27 12.09
C PHE A 116 4.55 18.61 12.76
N THR A 117 5.68 19.24 12.44
CA THR A 117 5.93 20.59 12.89
C THR A 117 4.90 21.52 12.27
N LYS A 118 4.34 22.41 13.07
CA LYS A 118 3.40 23.39 12.57
C LYS A 118 4.16 24.54 11.91
N ILE A 119 3.82 24.83 10.65
CA ILE A 119 4.42 25.96 9.96
C ILE A 119 3.51 27.18 10.11
N LYS A 120 4.02 28.21 10.78
CA LYS A 120 3.24 29.44 10.96
C LYS A 120 3.04 30.13 9.62
N GLY A 121 1.95 30.88 9.52
CA GLY A 121 1.62 31.59 8.30
C GLY A 121 0.19 31.35 7.86
N VAL A 122 -0.29 32.19 6.95
CA VAL A 122 -1.64 32.07 6.41
C VAL A 122 -1.58 31.65 4.94
N PRO A 123 -2.63 30.97 4.46
CA PRO A 123 -2.68 30.57 3.04
C PRO A 123 -2.56 31.78 2.11
N LEU A 124 -1.72 31.66 1.09
CA LEU A 124 -1.57 32.73 0.11
C LEU A 124 -2.74 32.71 -0.85
N THR A 125 -3.88 33.19 -0.38
CA THR A 125 -5.09 33.26 -1.19
C THR A 125 -4.87 34.23 -2.34
N PRO A 126 -5.55 34.00 -3.48
CA PRO A 126 -5.46 34.90 -4.64
C PRO A 126 -5.79 36.34 -4.29
N LEU A 127 -6.67 36.53 -3.30
CA LEU A 127 -7.04 37.86 -2.85
C LEU A 127 -5.89 38.52 -2.08
N LEU A 128 -5.21 37.74 -1.25
CA LEU A 128 -4.07 38.24 -0.47
C LEU A 128 -2.90 38.54 -1.41
N LEU A 129 -2.72 37.67 -2.41
CA LEU A 129 -1.63 37.81 -3.36
C LEU A 129 -1.71 39.11 -4.16
N ASN A 130 -2.92 39.44 -4.62
CA ASN A 130 -3.12 40.63 -5.44
C ASN A 130 -3.14 41.94 -4.64
N ASN A 131 -3.22 41.83 -3.32
CA ASN A 131 -3.16 43.00 -2.46
C ASN A 131 -1.73 43.34 -2.08
N LEU A 132 -0.79 42.48 -2.47
CA LEU A 132 0.62 42.70 -2.21
C LEU A 132 1.23 43.68 -3.21
N PRO A 133 2.27 44.41 -2.79
CA PRO A 133 3.05 45.23 -3.72
C PRO A 133 3.67 44.36 -4.81
N LYS A 134 3.92 44.94 -5.97
CA LYS A 134 4.38 44.18 -7.14
C LYS A 134 5.67 43.39 -6.89
N GLN A 135 6.58 43.98 -6.11
CA GLN A 135 7.84 43.32 -5.80
C GLN A 135 7.63 42.05 -4.97
N SER A 136 6.61 42.07 -4.12
CA SER A 136 6.28 40.91 -3.29
C SER A 136 5.57 39.84 -4.10
N GLN A 137 4.73 40.27 -5.05
CA GLN A 137 4.05 39.34 -5.93
C GLN A 137 5.06 38.63 -6.84
N ASN A 138 6.01 39.40 -7.36
CA ASN A 138 7.06 38.87 -8.22
C ASN A 138 7.96 37.90 -7.47
N GLN A 139 8.28 38.23 -6.22
CA GLN A 139 9.13 37.39 -5.40
C GLN A 139 8.41 36.09 -5.02
N ALA A 140 7.10 36.19 -4.86
CA ALA A 140 6.28 35.01 -4.56
C ALA A 140 6.29 34.04 -5.73
N ALA A 141 6.13 34.59 -6.94
CA ALA A 141 6.15 33.78 -8.15
C ALA A 141 7.51 33.12 -8.35
N LYS A 142 8.56 33.87 -8.02
CA LYS A 142 9.92 33.36 -8.16
C LYS A 142 10.24 32.30 -7.11
N ASP A 143 9.75 32.50 -5.89
CA ASP A 143 9.95 31.54 -4.81
C ASP A 143 9.22 30.23 -5.09
N LEU A 144 8.01 30.33 -5.63
CA LEU A 144 7.23 29.15 -5.99
C LEU A 144 7.91 28.37 -7.10
N ALA A 145 8.40 29.09 -8.10
CA ALA A 145 9.08 28.47 -9.23
C ALA A 145 10.36 27.78 -8.79
N ARG A 146 11.08 28.39 -7.85
N ARG A 146 11.09 28.39 -7.86
CA ARG A 146 12.32 27.83 -7.34
CA ARG A 146 12.32 27.81 -7.37
C ARG A 146 12.08 26.59 -6.49
C ARG A 146 12.05 26.56 -6.53
N PHE A 147 10.97 26.59 -5.75
CA PHE A 147 10.58 25.44 -4.95
C PHE A 147 10.22 24.26 -5.83
N LEU A 148 9.42 24.52 -6.86
CA LEU A 148 9.02 23.47 -7.79
C LEU A 148 10.21 22.94 -8.59
N SER A 149 11.12 23.84 -8.95
CA SER A 149 12.33 23.45 -9.68
C SER A 149 13.15 22.45 -8.88
N GLU A 150 13.28 22.69 -7.58
CA GLU A 150 14.04 21.80 -6.71
C GLU A 150 13.27 20.53 -6.36
N LEU A 151 11.97 20.67 -6.15
CA LEU A 151 11.12 19.53 -5.86
C LEU A 151 11.13 18.54 -7.03
N HIS A 152 10.97 19.09 -8.23
CA HIS A 152 10.93 18.27 -9.44
C HIS A 152 12.30 17.71 -9.82
N SER A 153 13.35 18.13 -9.10
CA SER A 153 14.72 17.71 -9.39
C SER A 153 15.22 16.64 -8.42
N ILE A 154 14.45 16.39 -7.37
CA ILE A 154 14.81 15.39 -6.38
C ILE A 154 14.91 14.00 -7.02
N ASN A 155 16.01 13.30 -6.76
CA ASN A 155 16.24 11.97 -7.32
C ASN A 155 15.16 11.00 -6.85
N ILE A 156 14.37 10.51 -7.80
CA ILE A 156 13.19 9.71 -7.48
C ILE A 156 13.44 8.20 -7.54
N SER A 157 14.70 7.80 -7.71
CA SER A 157 15.06 6.39 -7.63
C SER A 157 15.15 5.99 -6.16
N GLY A 158 14.43 4.92 -5.80
CA GLY A 158 14.30 4.53 -4.41
C GLY A 158 12.87 4.72 -3.97
N PHE A 159 12.14 5.56 -4.70
CA PHE A 159 10.72 5.76 -4.48
C PHE A 159 9.96 4.59 -5.11
N LYS A 160 9.42 3.71 -4.28
CA LYS A 160 8.75 2.51 -4.77
C LYS A 160 7.44 2.82 -5.49
N SER A 161 6.96 1.84 -6.26
CA SER A 161 5.83 2.02 -7.16
C SER A 161 4.52 2.45 -6.48
N ASN A 162 4.45 2.31 -5.16
CA ASN A 162 3.29 2.80 -4.43
C ASN A 162 3.31 4.32 -4.32
N LEU A 163 4.44 4.91 -4.70
CA LEU A 163 4.59 6.36 -4.75
C LEU A 163 4.65 6.84 -6.19
N VAL A 164 4.63 5.90 -7.12
CA VAL A 164 4.69 6.22 -8.54
C VAL A 164 3.29 6.28 -9.16
N LEU A 165 3.00 7.39 -9.82
CA LEU A 165 1.70 7.59 -10.45
C LEU A 165 1.86 7.74 -11.96
N ASP A 166 2.07 6.61 -12.65
CA ASP A 166 2.17 6.62 -14.10
C ASP A 166 0.81 6.98 -14.69
N PHE A 167 0.77 8.08 -15.43
CA PHE A 167 -0.49 8.65 -15.89
C PHE A 167 -1.26 7.74 -16.84
N ARG A 168 -0.53 7.03 -17.70
CA ARG A 168 -1.18 6.12 -18.63
C ARG A 168 -1.83 4.94 -17.90
N GLU A 169 -1.12 4.40 -16.91
CA GLU A 169 -1.67 3.35 -16.07
C GLU A 169 -2.90 3.87 -15.32
N LYS A 170 -2.79 5.11 -14.84
CA LYS A 170 -3.88 5.74 -14.10
C LYS A 170 -5.13 5.90 -14.96
N ILE A 171 -4.97 6.34 -16.19
CA ILE A 171 -6.09 6.51 -17.10
C ILE A 171 -6.73 5.17 -17.46
N ASN A 172 -5.91 4.18 -17.76
CA ASN A 172 -6.40 2.85 -18.08
C ASN A 172 -7.10 2.18 -16.89
N GLU A 173 -6.57 2.39 -15.69
CA GLU A 173 -7.18 1.84 -14.48
C GLU A 173 -8.52 2.50 -14.20
N ASP A 174 -8.58 3.82 -14.40
CA ASP A 174 -9.82 4.57 -14.20
C ASP A 174 -10.89 4.10 -15.18
N ASN A 175 -10.49 3.90 -16.43
CA ASN A 175 -11.41 3.44 -17.46
C ASN A 175 -12.08 2.13 -17.06
N LYS A 176 -11.28 1.18 -16.58
CA LYS A 176 -11.81 -0.10 -16.12
C LYS A 176 -12.76 0.08 -14.93
N LYS A 177 -12.42 1.00 -14.04
CA LYS A 177 -13.26 1.32 -12.90
C LYS A 177 -14.59 1.93 -13.35
N ILE A 178 -14.51 2.87 -14.28
CA ILE A 178 -15.69 3.53 -14.82
C ILE A 178 -16.65 2.54 -15.48
N LYS A 179 -16.09 1.63 -16.29
CA LYS A 179 -16.87 0.60 -16.95
C LYS A 179 -17.58 -0.30 -15.93
N LYS A 180 -16.83 -0.73 -14.92
CA LYS A 180 -17.35 -1.63 -13.90
C LYS A 180 -18.39 -0.93 -13.02
N LEU A 181 -18.26 0.38 -12.88
CA LEU A 181 -19.16 1.18 -12.07
C LEU A 181 -20.44 1.59 -12.79
N LEU A 182 -20.29 2.10 -14.01
CA LEU A 182 -21.41 2.67 -14.74
C LEU A 182 -21.95 1.71 -15.80
N SER A 183 -21.64 0.43 -15.65
CA SER A 183 -22.09 -0.60 -16.59
C SER A 183 -23.61 -0.60 -16.73
N ARG A 184 -24.30 -0.48 -15.61
CA ARG A 184 -25.77 -0.49 -15.61
C ARG A 184 -26.33 0.89 -15.35
N GLU A 185 -25.46 1.89 -15.31
CA GLU A 185 -25.86 3.26 -15.00
C GLU A 185 -25.99 4.15 -16.24
N LEU A 186 -25.37 3.73 -17.33
CA LEU A 186 -25.39 4.50 -18.56
C LEU A 186 -26.09 3.77 -19.69
N LYS A 187 -26.71 4.53 -20.59
CA LYS A 187 -27.30 3.96 -21.80
C LYS A 187 -26.22 3.77 -22.85
N GLY A 188 -26.60 3.12 -23.95
CA GLY A 188 -25.68 2.82 -25.04
C GLY A 188 -24.82 3.97 -25.53
N PRO A 189 -25.44 4.98 -26.16
CA PRO A 189 -24.74 6.16 -26.68
C PRO A 189 -23.93 6.89 -25.62
N GLN A 190 -24.40 6.88 -24.37
CA GLN A 190 -23.72 7.58 -23.29
C GLN A 190 -22.39 6.92 -22.94
N LYS A 192 -20.73 5.10 -25.02
CA LYS A 192 -19.92 5.28 -26.22
C LYS A 192 -19.07 6.54 -26.13
N LYS A 193 -19.66 7.61 -25.60
CA LYS A 193 -18.95 8.87 -25.42
C LYS A 193 -17.81 8.70 -24.44
N VAL A 194 -18.04 7.88 -23.42
CA VAL A 194 -17.01 7.57 -22.42
C VAL A 194 -15.85 6.85 -23.09
N ASP A 195 -16.18 5.89 -23.96
CA ASP A 195 -15.17 5.18 -24.73
C ASP A 195 -14.39 6.14 -25.62
N ASP A 196 -15.11 7.01 -26.31
CA ASP A 196 -14.50 8.00 -27.20
C ASP A 196 -13.58 8.94 -26.42
N PHE A 197 -14.06 9.43 -25.30
CA PHE A 197 -13.29 10.37 -24.48
C PHE A 197 -12.00 9.76 -23.96
N TYR A 198 -12.08 8.54 -23.47
CA TYR A 198 -10.90 7.85 -22.94
C TYR A 198 -9.94 7.46 -24.06
N ARG A 199 -10.48 7.16 -25.23
CA ARG A 199 -9.64 6.83 -26.38
C ARG A 199 -8.87 8.06 -26.85
N ASP A 200 -9.54 9.21 -26.89
CA ASP A 200 -8.92 10.46 -27.33
C ASP A 200 -7.79 10.90 -26.40
N ILE A 201 -7.95 10.62 -25.11
CA ILE A 201 -6.92 10.93 -24.13
C ILE A 201 -5.68 10.07 -24.35
N LEU A 202 -5.90 8.76 -24.41
CA LEU A 202 -4.80 7.80 -24.58
C LEU A 202 -4.14 7.96 -25.95
N GLU A 203 -4.87 8.57 -26.89
CA GLU A 203 -4.36 8.78 -28.24
C GLU A 203 -3.39 9.96 -28.28
N ASN A 204 -3.54 10.87 -27.33
CA ASN A 204 -2.69 12.07 -27.28
C ASN A 204 -1.39 11.82 -26.52
N GLU A 205 -0.28 11.87 -27.25
CA GLU A 205 1.03 11.52 -26.69
C GLU A 205 1.55 12.54 -25.68
N ILE A 206 0.98 13.74 -25.68
CA ILE A 206 1.46 14.81 -24.81
C ILE A 206 1.20 14.54 -23.34
N TYR A 207 0.23 13.68 -23.05
CA TYR A 207 -0.18 13.41 -21.68
C TYR A 207 0.74 12.41 -20.99
N PHE A 208 1.56 11.72 -21.77
CA PHE A 208 2.34 10.60 -21.25
C PHE A 208 3.82 10.66 -21.60
N LYS A 209 4.26 11.78 -22.18
CA LYS A 209 5.65 11.91 -22.63
C LYS A 209 6.53 12.57 -21.59
N TYR A 210 5.94 12.92 -20.45
CA TYR A 210 6.65 13.64 -19.39
C TYR A 210 7.77 12.83 -18.77
N TYR A 211 8.78 13.53 -18.26
CA TYR A 211 9.82 12.91 -17.45
C TYR A 211 9.33 12.82 -16.01
N PRO A 212 9.14 11.60 -15.49
CA PRO A 212 8.60 11.38 -14.15
C PRO A 212 9.46 12.01 -13.05
N CYS A 213 8.83 12.81 -12.20
CA CYS A 213 9.51 13.47 -11.09
CA CYS A 213 9.53 13.42 -11.07
C CYS A 213 8.61 13.50 -9.86
N LEU A 214 9.20 13.77 -8.69
CA LEU A 214 8.42 13.91 -7.49
C LEU A 214 7.63 15.21 -7.57
N ILE A 215 6.31 15.11 -7.44
CA ILE A 215 5.45 16.29 -7.49
C ILE A 215 4.64 16.42 -6.22
N HIS A 216 4.22 17.65 -5.91
CA HIS A 216 3.38 17.90 -4.75
C HIS A 216 1.99 17.33 -4.98
N ASN A 217 1.52 17.46 -6.22
CA ASN A 217 0.25 16.89 -6.68
C ASN A 217 -1.00 17.47 -6.02
N ASP A 218 -0.82 18.52 -5.23
CA ASP A 218 -1.93 19.24 -4.63
C ASP A 218 -1.49 20.68 -4.39
N PHE A 219 -0.72 21.18 -5.36
CA PHE A 219 -0.07 22.48 -5.25
C PHE A 219 -1.03 23.63 -5.54
N SER A 220 -1.75 24.06 -4.50
CA SER A 220 -2.69 25.16 -4.64
C SER A 220 -2.52 26.19 -3.52
N SER A 221 -3.31 27.25 -3.57
CA SER A 221 -3.18 28.37 -2.64
C SER A 221 -3.39 27.99 -1.18
N ASP A 222 -4.22 26.97 -0.95
CA ASP A 222 -4.50 26.51 0.41
C ASP A 222 -3.28 25.90 1.09
N HIS A 223 -2.30 25.48 0.29
CA HIS A 223 -1.14 24.77 0.82
C HIS A 223 0.14 25.59 0.69
N ILE A 224 -0.01 26.87 0.35
CA ILE A 224 1.12 27.78 0.27
C ILE A 224 0.98 28.84 1.35
N LEU A 225 1.75 28.68 2.42
CA LEU A 225 1.65 29.57 3.58
C LEU A 225 2.48 30.83 3.44
N PHE A 226 1.94 31.94 3.92
CA PHE A 226 2.51 33.25 3.68
C PHE A 226 2.77 34.04 4.97
N ASP A 227 3.94 34.66 5.05
CA ASP A 227 4.31 35.50 6.18
C ASP A 227 4.00 36.95 5.85
N THR A 228 2.95 37.49 6.44
CA THR A 228 2.52 38.85 6.14
C THR A 228 3.45 39.93 6.71
N GLU A 229 4.29 39.56 7.67
CA GLU A 229 5.24 40.51 8.25
C GLU A 229 6.44 40.76 7.33
N LYS A 230 6.90 39.71 6.65
CA LYS A 230 8.01 39.82 5.73
C LYS A 230 7.53 39.94 4.29
N ASN A 231 6.23 39.72 4.09
CA ASN A 231 5.63 39.63 2.76
C ASN A 231 6.32 38.59 1.88
N THR A 232 6.62 37.44 2.47
CA THR A 232 7.24 36.34 1.74
C THR A 232 6.56 35.01 2.07
N ILE A 233 6.64 34.06 1.14
CA ILE A 233 6.14 32.72 1.37
C ILE A 233 7.02 32.01 2.40
N CYS A 234 6.39 31.42 3.41
CA CYS A 234 7.14 30.83 4.51
C CYS A 234 6.90 29.34 4.71
N GLY A 235 6.22 28.71 3.76
CA GLY A 235 5.97 27.29 3.85
C GLY A 235 5.10 26.65 2.79
N ILE A 236 5.35 25.37 2.54
CA ILE A 236 4.50 24.55 1.68
C ILE A 236 4.08 23.32 2.47
N ILE A 237 2.77 23.08 2.56
CA ILE A 237 2.26 22.01 3.40
C ILE A 237 1.44 20.97 2.64
N ASP A 238 0.98 19.95 3.36
CA ASP A 238 0.07 18.93 2.84
C ASP A 238 0.62 18.14 1.65
N PHE A 239 1.50 17.19 1.95
CA PHE A 239 2.13 16.35 0.92
C PHE A 239 1.48 14.97 0.86
N GLY A 240 0.20 14.91 1.22
CA GLY A 240 -0.52 13.65 1.27
C GLY A 240 -0.83 13.05 -0.08
N ASP A 241 -0.74 13.85 -1.14
CA ASP A 241 -1.02 13.38 -2.49
C ASP A 241 0.26 13.30 -3.33
N ALA A 242 1.38 13.68 -2.72
CA ALA A 242 2.66 13.69 -3.40
C ALA A 242 2.99 12.34 -4.00
N ALA A 243 3.53 12.34 -5.22
CA ALA A 243 3.85 11.12 -5.93
C ALA A 243 4.83 11.39 -7.06
N ILE A 244 5.27 10.32 -7.72
CA ILE A 244 6.15 10.44 -8.88
C ILE A 244 5.31 10.48 -10.14
N SER A 245 5.19 11.66 -10.74
CA SER A 245 4.34 11.82 -11.92
C SER A 245 4.74 13.01 -12.80
N ASP A 246 3.73 13.65 -13.39
CA ASP A 246 3.95 14.76 -14.32
C ASP A 246 4.15 16.08 -13.59
N PRO A 247 5.31 16.73 -13.78
CA PRO A 247 5.62 18.02 -13.16
C PRO A 247 4.61 19.11 -13.53
N ASP A 248 3.96 18.98 -14.68
CA ASP A 248 2.97 19.97 -15.10
C ASP A 248 1.75 19.98 -14.20
N ASN A 249 1.54 18.91 -13.44
CA ASN A 249 0.45 18.84 -12.48
C ASN A 249 0.50 19.98 -11.46
N ASP A 250 1.70 20.36 -11.06
CA ASP A 250 1.88 21.39 -10.04
C ASP A 250 1.65 22.81 -10.55
N PHE A 251 1.53 22.94 -11.88
CA PHE A 251 1.22 24.24 -12.48
C PHE A 251 -0.28 24.34 -12.78
N ILE A 252 -0.84 23.23 -13.24
CA ILE A 252 -2.26 23.15 -13.55
C ILE A 252 -3.11 23.42 -12.32
N SER A 253 -2.67 22.90 -11.17
CA SER A 253 -3.37 23.06 -9.91
C SER A 253 -3.37 24.52 -9.42
N LEU A 254 -2.53 25.35 -10.02
CA LEU A 254 -2.42 26.75 -9.61
C LEU A 254 -3.35 27.68 -10.41
N GLU A 256 -6.75 26.54 -11.43
CA GLU A 256 -8.09 25.99 -11.41
C GLU A 256 -9.10 26.98 -10.85
N GLU A 259 -11.12 27.85 -6.89
CA GLU A 259 -10.61 28.96 -7.69
C GLU A 259 -9.24 29.40 -7.20
N GLU A 260 -8.25 29.32 -8.08
CA GLU A 260 -6.86 29.60 -7.71
C GLU A 260 -6.33 30.90 -8.30
N TYR A 261 -5.04 30.90 -8.63
CA TYR A 261 -4.37 32.08 -9.16
C TYR A 261 -4.73 32.32 -10.62
N GLY A 262 -4.69 33.58 -11.03
CA GLY A 262 -4.95 33.95 -12.41
C GLY A 262 -3.84 33.46 -13.32
N GLU A 264 -2.14 35.12 -15.31
CA GLU A 264 -1.08 36.12 -15.33
C GLU A 264 0.02 35.79 -14.32
N PHE A 265 -0.39 35.34 -13.13
CA PHE A 265 0.56 35.02 -12.08
C PHE A 265 1.25 33.68 -12.32
N VAL A 266 0.49 32.71 -12.84
CA VAL A 266 1.04 31.38 -13.12
C VAL A 266 2.08 31.47 -14.24
N SER A 267 1.84 32.37 -15.19
CA SER A 267 2.77 32.60 -16.29
C SER A 267 4.10 33.13 -15.77
N LYS A 268 4.04 33.92 -14.71
CA LYS A 268 5.25 34.41 -14.04
C LYS A 268 6.04 33.24 -13.47
N ILE A 269 5.33 32.34 -12.79
CA ILE A 269 5.94 31.15 -12.22
C ILE A 269 6.55 30.28 -13.31
N LEU A 270 5.76 30.04 -14.35
CA LEU A 270 6.20 29.21 -15.48
C LEU A 270 7.46 29.74 -16.15
N ASN A 271 7.57 31.07 -16.26
CA ASN A 271 8.72 31.69 -16.91
C ASN A 271 9.96 31.74 -16.01
N HIS A 272 9.75 31.89 -14.70
CA HIS A 272 10.84 31.78 -13.74
C HIS A 272 11.30 30.33 -13.69
N TYR A 273 10.36 29.41 -13.97
CA TYR A 273 10.62 27.98 -13.99
C TYR A 273 11.32 27.59 -15.29
N LYS A 274 11.32 28.52 -16.25
CA LYS A 274 11.89 28.28 -17.58
C LYS A 274 11.15 27.17 -18.32
N HIS A 275 9.82 27.14 -18.19
CA HIS A 275 9.01 26.16 -18.90
C HIS A 275 9.01 26.48 -20.39
N LYS A 276 9.18 25.45 -21.21
CA LYS A 276 9.35 25.65 -22.65
C LYS A 276 8.07 25.42 -23.45
N ASP A 277 7.05 24.88 -22.80
CA ASP A 277 5.83 24.51 -23.51
C ASP A 277 4.56 24.84 -22.72
N ILE A 278 4.27 26.12 -22.60
CA ILE A 278 3.08 26.60 -21.90
C ILE A 278 1.73 26.17 -22.49
N PRO A 279 1.58 26.25 -23.84
CA PRO A 279 0.31 25.79 -24.42
C PRO A 279 -0.03 24.33 -24.09
N THR A 280 0.99 23.49 -23.92
CA THR A 280 0.77 22.11 -23.50
C THR A 280 0.16 22.06 -22.10
N VAL A 281 0.72 22.87 -21.20
CA VAL A 281 0.21 22.95 -19.83
C VAL A 281 -1.25 23.39 -19.82
N LEU A 282 -1.59 24.30 -20.74
CA LEU A 282 -2.97 24.75 -20.88
C LEU A 282 -3.85 23.65 -21.47
N GLU A 283 -3.28 22.86 -22.36
CA GLU A 283 -4.01 21.75 -22.96
C GLU A 283 -4.26 20.66 -21.93
N LYS A 284 -3.24 20.34 -21.14
CA LYS A 284 -3.39 19.40 -20.04
C LYS A 284 -4.38 19.93 -19.01
N TYR A 285 -4.41 21.25 -18.87
CA TYR A 285 -5.34 21.92 -17.95
C TYR A 285 -6.78 21.70 -18.38
N ARG A 286 -7.05 21.88 -19.67
CA ARG A 286 -8.40 21.71 -20.20
C ARG A 286 -8.87 20.27 -20.09
N LYS A 288 -7.85 17.95 -17.89
CA LYS A 288 -8.10 17.62 -16.49
C LYS A 288 -9.40 18.23 -15.98
N GLU A 289 -9.79 19.38 -16.54
CA GLU A 289 -11.03 20.03 -16.17
C GLU A 289 -12.23 19.16 -16.56
N LYS A 290 -12.18 18.64 -17.78
CA LYS A 290 -13.24 17.76 -18.26
C LYS A 290 -13.20 16.42 -17.53
N TYR A 291 -12.01 16.03 -17.10
CA TYR A 291 -11.80 14.71 -16.51
C TYR A 291 -12.32 14.62 -15.07
N TRP A 292 -12.56 15.77 -14.45
CA TRP A 292 -13.02 15.81 -13.06
C TRP A 292 -14.37 15.11 -12.87
N SER A 293 -15.16 15.03 -13.94
CA SER A 293 -16.44 14.33 -13.90
C SER A 293 -16.26 12.85 -13.58
N PHE A 294 -15.26 12.25 -14.18
CA PHE A 294 -14.98 10.83 -13.98
C PHE A 294 -14.32 10.58 -12.62
N GLU A 295 -13.55 11.56 -12.16
CA GLU A 295 -12.94 11.49 -10.84
C GLU A 295 -14.01 11.47 -9.77
N LYS A 296 -15.06 12.26 -9.97
CA LYS A 296 -16.16 12.33 -9.01
C LYS A 296 -16.94 11.02 -8.92
N ILE A 297 -16.98 10.28 -10.02
CA ILE A 297 -17.62 8.97 -10.02
C ILE A 297 -16.82 7.99 -9.17
N ILE A 298 -15.51 7.93 -9.45
CA ILE A 298 -14.62 7.00 -8.76
C ILE A 298 -14.48 7.31 -7.28
N TYR A 299 -14.16 8.56 -6.97
CA TYR A 299 -14.00 8.99 -5.59
C TYR A 299 -15.34 8.98 -4.85
N GLY A 300 -16.41 9.29 -5.57
CA GLY A 300 -17.74 9.29 -5.01
C GLY A 300 -18.18 7.91 -4.56
N LYS A 301 -17.62 6.88 -5.21
CA LYS A 301 -17.95 5.50 -4.86
C LYS A 301 -16.93 4.93 -3.89
N GLU A 302 -15.68 5.35 -4.02
CA GLU A 302 -14.62 4.89 -3.12
C GLU A 302 -14.74 5.57 -1.75
N TYR A 303 -14.78 6.89 -1.74
CA TYR A 303 -14.91 7.64 -0.50
C TYR A 303 -16.35 7.66 0.01
N GLY A 304 -17.27 7.20 -0.82
CA GLY A 304 -18.67 7.12 -0.43
C GLY A 304 -19.38 8.46 -0.51
N TYR A 305 -18.85 9.36 -1.33
CA TYR A 305 -19.48 10.67 -1.52
C TYR A 305 -20.60 10.56 -2.55
N ASP A 307 -23.01 12.43 -3.25
CA ASP A 307 -23.34 13.66 -3.97
C ASP A 307 -22.34 13.88 -5.11
N TRP A 308 -21.09 13.47 -4.88
CA TRP A 308 -20.07 13.51 -5.94
C TRP A 308 -20.41 12.54 -7.06
N TYR A 309 -20.92 11.37 -6.66
CA TYR A 309 -21.29 10.33 -7.61
C TYR A 309 -22.42 10.79 -8.54
N GLU A 310 -23.46 11.35 -7.94
CA GLU A 310 -24.60 11.83 -8.70
C GLU A 310 -24.27 13.07 -9.55
N GLU A 311 -23.36 13.89 -9.05
CA GLU A 311 -22.88 15.04 -9.81
C GLU A 311 -22.15 14.57 -11.06
N GLY A 312 -21.14 13.73 -10.84
CA GLY A 312 -20.35 13.18 -11.94
C GLY A 312 -21.20 12.41 -12.92
N LEU A 313 -22.20 11.71 -12.42
CA LEU A 313 -23.08 10.91 -13.27
C LEU A 313 -23.96 11.81 -14.15
N ASN A 314 -24.41 12.92 -13.60
CA ASN A 314 -25.19 13.88 -14.37
C ASN A 314 -24.36 14.53 -15.47
N GLU A 315 -23.11 14.85 -15.15
CA GLU A 315 -22.21 15.52 -16.08
C GLU A 315 -21.82 14.62 -17.24
N ILE A 316 -21.57 13.36 -16.95
CA ILE A 316 -21.21 12.39 -17.98
C ILE A 316 -22.37 12.16 -18.94
N ARG A 317 -23.59 12.26 -18.43
CA ARG A 317 -24.79 12.08 -19.25
C ARG A 317 -25.18 13.31 -20.05
N SER A 318 -24.22 14.18 -20.39
CA SER A 318 -24.59 15.45 -21.01
C SER A 318 -23.67 15.99 -22.12
N ILE A 319 -22.36 15.86 -21.97
CA ILE A 319 -21.44 16.50 -22.91
C ILE A 319 -20.39 15.59 -23.53
N LYS A 320 -19.62 16.16 -24.46
CA LYS A 320 -18.49 15.48 -25.08
C LYS A 320 -17.63 16.49 -25.85
N ARG B 23 -13.95 -7.45 10.80
CA ARG B 23 -15.36 -7.54 10.46
C ARG B 23 -15.78 -8.96 10.12
N THR B 24 -17.06 -9.26 10.30
CA THR B 24 -17.62 -10.54 9.92
C THR B 24 -18.79 -10.31 8.98
N TYR B 25 -19.14 -11.33 8.19
CA TYR B 25 -20.19 -11.18 7.18
C TYR B 25 -21.31 -12.20 7.36
N THR B 26 -22.53 -11.78 7.04
CA THR B 26 -23.65 -12.69 6.99
C THR B 26 -23.77 -13.22 5.57
N PHE B 27 -24.47 -14.33 5.39
CA PHE B 27 -24.65 -14.93 4.07
C PHE B 27 -25.32 -13.96 3.09
N ASP B 28 -26.29 -13.19 3.60
CA ASP B 28 -27.02 -12.23 2.78
C ASP B 28 -26.13 -11.07 2.34
N GLN B 29 -25.25 -10.63 3.24
CA GLN B 29 -24.31 -9.56 2.93
C GLN B 29 -23.38 -9.95 1.80
N VAL B 30 -22.88 -11.19 1.87
CA VAL B 30 -22.01 -11.73 0.83
C VAL B 30 -22.72 -11.74 -0.53
N GLU B 31 -23.95 -12.23 -0.54
CA GLU B 31 -24.75 -12.26 -1.76
C GLU B 31 -25.03 -10.85 -2.29
N LYS B 32 -25.35 -9.94 -1.40
CA LYS B 32 -25.65 -8.56 -1.78
C LYS B 32 -24.45 -7.87 -2.42
N ALA B 33 -23.26 -8.14 -1.87
CA ALA B 33 -22.03 -7.56 -2.40
C ALA B 33 -21.72 -8.07 -3.80
N ILE B 34 -21.98 -9.35 -4.03
CA ILE B 34 -21.70 -9.99 -5.32
C ILE B 34 -22.73 -9.58 -6.38
N GLU B 35 -24.00 -9.56 -5.99
CA GLU B 35 -25.08 -9.18 -6.90
C GLU B 35 -24.92 -7.76 -7.41
N GLN B 36 -24.36 -6.89 -6.57
CA GLN B 36 -24.15 -5.50 -6.91
C GLN B 36 -23.22 -5.34 -8.11
N LEU B 37 -22.27 -6.26 -8.25
CA LEU B 37 -21.29 -6.20 -9.32
C LEU B 37 -21.53 -7.26 -10.39
N TYR B 38 -22.11 -8.38 -10.00
CA TYR B 38 -22.40 -9.45 -10.93
C TYR B 38 -23.85 -9.91 -10.80
N PRO B 39 -24.78 -9.13 -11.35
CA PRO B 39 -26.23 -9.37 -11.22
C PRO B 39 -26.71 -10.57 -12.01
N ASP B 40 -25.95 -10.97 -13.03
CA ASP B 40 -26.32 -12.12 -13.85
C ASP B 40 -25.81 -13.42 -13.25
N PHE B 41 -24.99 -13.31 -12.22
CA PHE B 41 -24.46 -14.47 -11.53
C PHE B 41 -25.38 -14.90 -10.38
N THR B 42 -26.15 -15.96 -10.62
CA THR B 42 -27.09 -16.46 -9.62
C THR B 42 -26.41 -17.46 -8.68
N ILE B 43 -26.60 -17.24 -7.38
CA ILE B 43 -26.00 -18.10 -6.37
C ILE B 43 -26.97 -19.19 -5.92
N ASN B 44 -26.53 -20.45 -6.01
CA ASN B 44 -27.36 -21.59 -5.63
C ASN B 44 -27.10 -22.04 -4.20
N THR B 45 -25.83 -22.28 -3.89
CA THR B 45 -25.44 -22.75 -2.57
C THR B 45 -24.29 -21.90 -2.01
N ILE B 46 -24.24 -21.76 -0.68
CA ILE B 46 -23.17 -21.02 -0.03
C ILE B 46 -22.91 -21.48 1.41
N GLU B 47 -21.66 -21.81 1.68
CA GLU B 47 -21.23 -22.21 3.01
C GLU B 47 -19.88 -21.56 3.31
N ILE B 48 -19.57 -21.37 4.59
CA ILE B 48 -18.24 -20.90 4.97
C ILE B 48 -17.23 -21.98 4.60
N SER B 49 -16.30 -21.63 3.71
CA SER B 49 -15.31 -22.58 3.22
C SER B 49 -14.08 -22.66 4.11
N GLY B 50 -13.78 -21.54 4.77
CA GLY B 50 -12.63 -21.46 5.64
C GLY B 50 -12.47 -20.10 6.27
N GLU B 51 -11.39 -19.91 7.02
CA GLU B 51 -11.16 -18.65 7.72
C GLU B 51 -9.67 -18.48 8.03
N GLY B 52 -9.19 -17.24 7.91
CA GLY B 52 -7.80 -16.94 8.21
C GLY B 52 -7.68 -15.64 8.98
N ASN B 53 -6.47 -15.12 9.08
CA ASN B 53 -6.23 -13.86 9.77
C ASN B 53 -6.63 -12.67 8.90
N ASP B 54 -6.73 -12.90 7.59
CA ASP B 54 -7.00 -11.82 6.65
C ASP B 54 -8.43 -11.86 6.09
N CYS B 55 -8.88 -13.04 5.69
CA CYS B 55 -10.18 -13.17 5.02
C CYS B 55 -11.04 -14.31 5.53
N ILE B 56 -12.35 -14.18 5.32
CA ILE B 56 -13.27 -15.28 5.51
C ILE B 56 -13.66 -15.82 4.14
N ALA B 57 -13.43 -17.11 3.93
CA ALA B 57 -13.69 -17.72 2.62
C ALA B 57 -15.07 -18.36 2.56
N TYR B 58 -15.74 -18.17 1.42
CA TYR B 58 -17.06 -18.75 1.20
C TYR B 58 -17.08 -19.57 -0.09
N GLU B 59 -17.55 -20.81 0.00
CA GLU B 59 -17.69 -21.65 -1.17
C GLU B 59 -19.06 -21.44 -1.79
N ILE B 60 -19.08 -21.03 -3.06
CA ILE B 60 -20.32 -20.69 -3.74
C ILE B 60 -20.54 -21.54 -4.99
N ASN B 61 -21.72 -22.16 -5.06
CA ASN B 61 -22.08 -23.05 -6.16
C ASN B 61 -21.14 -24.24 -6.31
N ARG B 62 -20.45 -24.57 -5.22
CA ARG B 62 -19.50 -25.68 -5.18
C ARG B 62 -18.39 -25.57 -6.24
N ASP B 63 -18.22 -24.38 -6.80
CA ASP B 63 -17.25 -24.18 -7.88
C ASP B 63 -16.34 -22.97 -7.63
N PHE B 64 -16.79 -22.06 -6.77
CA PHE B 64 -16.02 -20.84 -6.53
C PHE B 64 -15.71 -20.60 -5.05
N ILE B 65 -14.54 -20.03 -4.80
CA ILE B 65 -14.16 -19.62 -3.45
C ILE B 65 -14.07 -18.10 -3.38
N PHE B 66 -14.99 -17.49 -2.63
CA PHE B 66 -15.03 -16.04 -2.47
C PHE B 66 -14.37 -15.62 -1.18
N LYS B 67 -13.35 -14.77 -1.30
CA LYS B 67 -12.67 -14.24 -0.13
C LYS B 67 -13.15 -12.84 0.22
N PHE B 68 -13.58 -12.67 1.46
CA PHE B 68 -14.00 -11.37 1.97
C PHE B 68 -13.08 -10.94 3.12
N PRO B 69 -12.48 -9.75 2.99
CA PRO B 69 -11.54 -9.24 3.99
C PRO B 69 -12.20 -8.95 5.32
N LYS B 70 -11.56 -9.38 6.41
CA LYS B 70 -12.05 -9.10 7.75
C LYS B 70 -11.63 -7.70 8.18
N HIS B 71 -10.62 -7.17 7.50
CA HIS B 71 -10.10 -5.84 7.81
C HIS B 71 -9.33 -5.24 6.62
N SER B 72 -8.77 -4.06 6.83
CA SER B 72 -8.09 -3.33 5.76
C SER B 72 -6.81 -4.03 5.29
N ARG B 73 -6.00 -4.47 6.25
CA ARG B 73 -4.73 -5.12 5.92
C ARG B 73 -4.96 -6.41 5.12
N GLY B 74 -6.00 -7.15 5.49
CA GLY B 74 -6.35 -8.37 4.78
C GLY B 74 -6.80 -8.07 3.36
N SER B 75 -7.47 -6.93 3.19
CA SER B 75 -7.94 -6.52 1.86
C SER B 75 -6.76 -6.16 0.98
N THR B 76 -5.72 -5.57 1.58
CA THR B 76 -4.51 -5.21 0.85
C THR B 76 -3.81 -6.47 0.34
N ASN B 77 -3.74 -7.48 1.20
CA ASN B 77 -3.17 -8.76 0.82
C ASN B 77 -4.01 -9.45 -0.26
N LEU B 78 -5.33 -9.33 -0.14
CA LEU B 78 -6.24 -9.88 -1.13
C LEU B 78 -6.05 -9.17 -2.47
N PHE B 79 -5.93 -7.85 -2.42
CA PHE B 79 -5.67 -7.04 -3.59
C PHE B 79 -4.33 -7.45 -4.21
N ASN B 80 -3.36 -7.73 -3.36
CA ASN B 80 -2.03 -8.17 -3.81
CA ASN B 80 -2.05 -8.15 -3.83
C ASN B 80 -2.05 -9.57 -4.40
N GLU B 81 -2.90 -10.44 -3.86
CA GLU B 81 -3.01 -11.80 -4.37
C GLU B 81 -3.60 -11.80 -5.78
N VAL B 82 -4.66 -11.02 -5.95
CA VAL B 82 -5.35 -10.94 -7.24
C VAL B 82 -4.42 -10.43 -8.33
N ASN B 83 -3.69 -9.36 -8.04
CA ASN B 83 -2.77 -8.76 -9.01
C ASN B 83 -1.63 -9.70 -9.42
N ILE B 84 -1.08 -10.42 -8.45
CA ILE B 84 0.02 -11.34 -8.71
C ILE B 84 -0.42 -12.55 -9.50
N LEU B 85 -1.59 -13.10 -9.15
CA LEU B 85 -2.15 -14.25 -9.85
C LEU B 85 -2.35 -13.97 -11.33
N LYS B 86 -2.83 -12.77 -11.65
CA LYS B 86 -3.07 -12.39 -13.04
C LYS B 86 -1.78 -12.22 -13.84
N ARG B 87 -0.67 -12.03 -13.13
CA ARG B 87 0.62 -11.87 -13.79
C ARG B 87 1.31 -13.21 -14.06
N ILE B 88 1.01 -14.21 -13.24
CA ILE B 88 1.71 -15.49 -13.31
C ILE B 88 0.77 -16.68 -13.54
N HIS B 89 -0.46 -16.39 -13.98
CA HIS B 89 -1.51 -17.40 -14.13
C HIS B 89 -1.10 -18.56 -15.05
N ASN B 90 -0.27 -18.26 -16.04
CA ASN B 90 0.15 -19.27 -17.01
C ASN B 90 1.66 -19.42 -17.10
N LYS B 91 2.35 -19.26 -15.97
CA LYS B 91 3.80 -19.34 -15.95
C LYS B 91 4.29 -20.37 -14.94
N LEU B 92 3.39 -21.22 -14.46
CA LEU B 92 3.73 -22.20 -13.44
C LEU B 92 3.34 -23.62 -13.85
N PRO B 93 4.11 -24.62 -13.38
CA PRO B 93 3.86 -26.02 -13.73
C PRO B 93 2.72 -26.64 -12.91
N LEU B 94 2.18 -25.89 -11.96
CA LEU B 94 1.07 -26.37 -11.14
C LEU B 94 -0.08 -25.37 -11.17
N PRO B 95 -1.32 -25.87 -11.03
CA PRO B 95 -2.49 -24.99 -10.97
C PRO B 95 -2.46 -24.06 -9.76
N ILE B 96 -2.92 -22.83 -9.95
CA ILE B 96 -3.05 -21.85 -8.88
C ILE B 96 -4.47 -21.29 -8.97
N PRO B 97 -4.95 -20.62 -7.89
CA PRO B 97 -6.29 -20.04 -7.96
C PRO B 97 -6.44 -19.07 -9.12
N GLU B 98 -7.55 -19.19 -9.85
CA GLU B 98 -7.86 -18.28 -10.95
C GLU B 98 -8.90 -17.25 -10.52
N VAL B 99 -8.60 -15.98 -10.74
CA VAL B 99 -9.53 -14.91 -10.40
C VAL B 99 -10.66 -14.84 -11.41
N VAL B 100 -11.89 -14.95 -10.94
CA VAL B 100 -13.06 -14.91 -11.81
C VAL B 100 -13.94 -13.70 -11.48
N PHE B 101 -14.04 -13.39 -10.19
CA PHE B 101 -14.81 -12.25 -9.72
C PHE B 101 -13.91 -11.29 -8.95
N THR B 102 -14.16 -9.99 -9.10
CA THR B 102 -13.41 -8.97 -8.36
C THR B 102 -14.34 -7.94 -7.75
N GLY B 103 -14.00 -7.49 -6.56
CA GLY B 103 -14.74 -6.42 -5.91
C GLY B 103 -14.18 -5.07 -6.32
N PRO B 105 -12.48 -1.11 -4.73
CA PRO B 105 -11.91 -0.38 -3.59
C PRO B 105 -12.94 0.50 -2.88
N SER B 106 -12.79 0.63 -1.56
CA SER B 106 -13.60 1.56 -0.78
C SER B 106 -12.64 2.35 0.11
N GLU B 107 -13.19 3.14 1.02
CA GLU B 107 -12.36 3.90 1.95
C GLU B 107 -11.80 2.97 3.03
N THR B 108 -12.36 1.76 3.09
CA THR B 108 -11.97 0.77 4.10
C THR B 108 -11.14 -0.34 3.47
N TYR B 109 -11.51 -0.76 2.27
CA TYR B 109 -10.84 -1.88 1.61
C TYR B 109 -10.30 -1.50 0.23
N GLN B 110 -9.11 -2.01 -0.10
CA GLN B 110 -8.57 -1.86 -1.44
C GLN B 110 -9.31 -2.80 -2.39
N SER B 112 -12.97 -5.13 -2.06
CA SER B 112 -14.12 -5.52 -1.25
C SER B 112 -14.28 -7.04 -1.18
N PHE B 113 -13.94 -7.73 -2.27
CA PHE B 113 -13.92 -9.19 -2.30
C PHE B 113 -13.25 -9.71 -3.56
N ALA B 114 -13.06 -11.03 -3.63
CA ALA B 114 -12.49 -11.67 -4.81
C ALA B 114 -12.99 -13.10 -4.92
N GLY B 115 -13.44 -13.47 -6.11
CA GLY B 115 -13.93 -14.81 -6.36
C GLY B 115 -12.93 -15.63 -7.15
N PHE B 116 -12.56 -16.79 -6.63
CA PHE B 116 -11.59 -17.66 -7.27
C PHE B 116 -12.23 -18.98 -7.67
N THR B 117 -11.68 -19.61 -8.71
CA THR B 117 -12.07 -20.97 -9.06
C THR B 117 -11.66 -21.90 -7.93
N LYS B 118 -12.54 -22.81 -7.54
CA LYS B 118 -12.22 -23.77 -6.50
C LYS B 118 -11.35 -24.89 -7.04
N ILE B 119 -10.21 -25.11 -6.40
CA ILE B 119 -9.33 -26.21 -6.75
C ILE B 119 -9.63 -27.40 -5.85
N LYS B 120 -10.16 -28.46 -6.45
CA LYS B 120 -10.49 -29.68 -5.71
C LYS B 120 -9.22 -30.32 -5.16
N GLY B 121 -9.30 -30.83 -3.94
CA GLY B 121 -8.17 -31.49 -3.31
C GLY B 121 -8.05 -31.18 -1.83
N VAL B 122 -7.13 -31.88 -1.17
CA VAL B 122 -6.90 -31.68 0.26
C VAL B 122 -5.46 -31.24 0.50
N PRO B 123 -5.23 -30.48 1.58
CA PRO B 123 -3.87 -30.04 1.92
C PRO B 123 -2.92 -31.22 2.13
N LEU B 124 -1.72 -31.13 1.58
CA LEU B 124 -0.71 -32.15 1.77
C LEU B 124 -0.09 -31.99 3.15
N THR B 125 -0.83 -32.40 4.18
CA THR B 125 -0.36 -32.33 5.55
C THR B 125 0.86 -33.24 5.71
N PRO B 126 1.75 -32.91 6.66
CA PRO B 126 2.93 -33.75 6.95
C PRO B 126 2.57 -35.22 7.17
N LEU B 127 1.42 -35.46 7.80
CA LEU B 127 0.96 -36.83 8.03
C LEU B 127 0.63 -37.55 6.72
N LEU B 128 -0.11 -36.87 5.86
CA LEU B 128 -0.54 -37.46 4.59
C LEU B 128 0.65 -37.74 3.68
N LEU B 129 1.59 -36.80 3.64
CA LEU B 129 2.80 -36.95 2.85
C LEU B 129 3.60 -38.18 3.28
N ASN B 130 3.73 -38.34 4.60
CA ASN B 130 4.54 -39.42 5.16
C ASN B 130 3.90 -40.80 5.06
N ASN B 131 2.59 -40.83 4.77
CA ASN B 131 1.89 -42.10 4.59
C ASN B 131 1.84 -42.51 3.12
N LEU B 132 2.28 -41.61 2.24
CA LEU B 132 2.37 -41.89 0.82
C LEU B 132 3.49 -42.89 0.54
N PRO B 133 3.34 -43.69 -0.52
CA PRO B 133 4.44 -44.53 -1.00
C PRO B 133 5.66 -43.68 -1.35
N LYS B 134 6.85 -44.25 -1.23
CA LYS B 134 8.09 -43.50 -1.45
C LYS B 134 8.16 -42.84 -2.83
N GLN B 135 7.64 -43.51 -3.85
CA GLN B 135 7.68 -42.97 -5.20
C GLN B 135 6.81 -41.73 -5.33
N SER B 136 5.70 -41.71 -4.61
CA SER B 136 4.80 -40.55 -4.61
C SER B 136 5.36 -39.39 -3.80
N GLN B 137 6.13 -39.72 -2.75
CA GLN B 137 6.76 -38.69 -1.94
C GLN B 137 7.86 -37.98 -2.72
N ASN B 138 8.66 -38.74 -3.45
CA ASN B 138 9.73 -38.18 -4.27
C ASN B 138 9.18 -37.35 -5.43
N GLN B 139 8.07 -37.82 -6.00
CA GLN B 139 7.40 -37.09 -7.06
C GLN B 139 6.87 -35.77 -6.54
N ALA B 140 6.40 -35.78 -5.30
CA ALA B 140 5.90 -34.58 -4.64
C ALA B 140 7.02 -33.56 -4.42
N ALA B 141 8.17 -34.05 -3.98
CA ALA B 141 9.34 -33.20 -3.75
C ALA B 141 9.84 -32.62 -5.08
N LYS B 142 9.78 -33.44 -6.12
CA LYS B 142 10.21 -33.03 -7.44
C LYS B 142 9.27 -31.97 -8.04
N ASP B 143 7.98 -32.16 -7.85
CA ASP B 143 6.98 -31.22 -8.35
C ASP B 143 7.04 -29.89 -7.61
N LEU B 144 7.26 -29.95 -6.30
CA LEU B 144 7.40 -28.73 -5.50
C LEU B 144 8.66 -27.96 -5.89
N ALA B 145 9.72 -28.69 -6.18
CA ALA B 145 10.98 -28.09 -6.58
C ALA B 145 10.85 -27.43 -7.95
N ARG B 146 10.14 -28.11 -8.86
CA ARG B 146 9.89 -27.59 -10.19
C ARG B 146 9.06 -26.32 -10.12
N PHE B 147 8.06 -26.32 -9.24
CA PHE B 147 7.19 -25.18 -9.04
C PHE B 147 7.96 -23.97 -8.53
N LEU B 148 8.78 -24.18 -7.51
CA LEU B 148 9.59 -23.11 -6.93
C LEU B 148 10.67 -22.62 -7.89
N SER B 149 11.27 -23.56 -8.62
CA SER B 149 12.31 -23.21 -9.59
C SER B 149 11.77 -22.31 -10.70
N GLU B 150 10.53 -22.55 -11.09
CA GLU B 150 9.89 -21.75 -12.12
C GLU B 150 9.32 -20.45 -11.56
N LEU B 151 8.84 -20.51 -10.32
CA LEU B 151 8.33 -19.31 -9.64
C LEU B 151 9.45 -18.32 -9.40
N HIS B 152 10.62 -18.83 -9.07
CA HIS B 152 11.78 -17.99 -8.77
C HIS B 152 12.52 -17.56 -10.03
N SER B 153 11.92 -17.84 -11.19
CA SER B 153 12.53 -17.48 -12.47
C SER B 153 11.62 -16.59 -13.32
N ILE B 154 10.43 -16.30 -12.81
CA ILE B 154 9.48 -15.45 -13.50
C ILE B 154 10.00 -14.03 -13.65
N ASN B 155 9.86 -13.47 -14.85
CA ASN B 155 10.31 -12.12 -15.14
C ASN B 155 9.78 -11.07 -14.16
N ILE B 156 10.70 -10.39 -13.51
CA ILE B 156 10.38 -9.47 -12.42
C ILE B 156 10.07 -8.05 -12.91
N SER B 157 10.67 -7.70 -14.06
CA SER B 157 10.57 -6.35 -14.64
C SER B 157 9.23 -5.64 -14.47
N GLY B 158 8.18 -6.21 -15.05
CA GLY B 158 6.87 -5.59 -15.05
C GLY B 158 6.24 -5.44 -13.67
N PHE B 159 6.66 -6.28 -12.74
CA PHE B 159 6.12 -6.23 -11.38
C PHE B 159 6.38 -4.90 -10.70
N LYS B 160 5.42 -4.48 -9.86
CA LYS B 160 5.54 -3.26 -9.10
C LYS B 160 6.74 -3.35 -8.16
N SER B 161 7.52 -2.27 -8.10
CA SER B 161 8.70 -2.23 -7.23
C SER B 161 8.30 -2.24 -5.76
N ASN B 162 7.01 -1.96 -5.52
CA ASN B 162 6.45 -2.03 -4.18
C ASN B 162 6.43 -3.45 -3.63
N LEU B 163 6.34 -4.43 -4.53
CA LEU B 163 6.33 -5.84 -4.15
C LEU B 163 7.67 -6.28 -3.57
N VAL B 164 8.72 -5.51 -3.86
CA VAL B 164 10.05 -5.82 -3.37
C VAL B 164 10.13 -5.74 -1.85
N LEU B 165 10.42 -6.87 -1.22
CA LEU B 165 10.59 -6.95 0.22
C LEU B 165 12.06 -7.14 0.55
N ASP B 166 12.78 -6.03 0.72
CA ASP B 166 14.18 -6.11 1.12
C ASP B 166 14.27 -6.52 2.58
N PHE B 167 14.93 -7.65 2.82
CA PHE B 167 14.97 -8.25 4.16
C PHE B 167 15.72 -7.37 5.17
N ARG B 168 16.73 -6.65 4.72
CA ARG B 168 17.48 -5.76 5.60
CA ARG B 168 17.48 -5.76 5.60
C ARG B 168 16.62 -4.60 6.09
N GLU B 169 15.84 -4.03 5.17
CA GLU B 169 14.92 -2.95 5.53
C GLU B 169 13.83 -3.48 6.47
N LYS B 170 13.42 -4.72 6.22
CA LYS B 170 12.40 -5.39 7.03
C LYS B 170 12.86 -5.55 8.48
N ILE B 171 14.08 -6.04 8.68
CA ILE B 171 14.61 -6.26 10.01
C ILE B 171 14.83 -4.93 10.75
N ASN B 172 15.37 -3.95 10.03
CA ASN B 172 15.58 -2.61 10.60
C ASN B 172 14.26 -1.99 11.04
N GLU B 173 13.23 -2.13 10.21
CA GLU B 173 11.92 -1.55 10.51
C GLU B 173 11.28 -2.24 11.71
N ASP B 174 11.48 -3.55 11.80
CA ASP B 174 10.97 -4.34 12.92
C ASP B 174 11.62 -3.92 14.23
N ASN B 175 12.92 -3.64 14.17
CA ASN B 175 13.66 -3.18 15.35
C ASN B 175 13.06 -1.89 15.89
N LYS B 176 12.68 -1.00 14.98
CA LYS B 176 12.03 0.26 15.34
C LYS B 176 10.66 0.00 15.98
N LYS B 177 9.91 -0.91 15.39
CA LYS B 177 8.57 -1.24 15.89
C LYS B 177 8.62 -1.78 17.30
N ILE B 178 9.48 -2.77 17.54
CA ILE B 178 9.64 -3.37 18.86
C ILE B 178 10.02 -2.31 19.89
N LYS B 179 11.02 -1.50 19.57
CA LYS B 179 11.44 -0.41 20.44
C LYS B 179 10.30 0.55 20.71
N LYS B 180 9.52 0.83 19.66
CA LYS B 180 8.39 1.75 19.77
C LYS B 180 7.26 1.12 20.58
N LEU B 181 7.09 -0.19 20.42
CA LEU B 181 6.03 -0.92 21.11
C LEU B 181 6.35 -1.24 22.56
N LEU B 182 7.59 -1.65 22.82
CA LEU B 182 7.95 -2.24 24.11
C LEU B 182 8.88 -1.39 24.97
N SER B 183 8.99 -0.09 24.66
CA SER B 183 9.84 0.79 25.44
C SER B 183 9.32 0.96 26.85
N ARG B 184 8.00 0.92 27.00
CA ARG B 184 7.37 1.12 28.30
C ARG B 184 7.14 -0.21 29.01
N GLU B 185 7.07 -1.29 28.24
CA GLU B 185 6.78 -2.62 28.79
C GLU B 185 8.03 -3.33 29.28
N LEU B 186 9.12 -3.22 28.53
CA LEU B 186 10.37 -3.86 28.90
C LEU B 186 11.25 -2.94 29.74
N LYS B 187 11.93 -3.52 30.72
CA LYS B 187 12.91 -2.77 31.50
C LYS B 187 14.15 -2.53 30.66
N GLY B 188 14.89 -1.49 30.99
CA GLY B 188 16.08 -1.08 30.26
C GLY B 188 16.99 -2.18 29.73
N PRO B 189 17.54 -3.02 30.64
CA PRO B 189 18.40 -4.14 30.25
C PRO B 189 17.72 -5.10 29.27
N GLN B 190 16.42 -5.33 29.43
CA GLN B 190 15.69 -6.22 28.54
C GLN B 190 15.61 -5.65 27.13
N LYS B 192 17.61 -3.53 25.90
CA LYS B 192 18.99 -3.49 25.42
C LYS B 192 19.37 -4.82 24.76
N LYS B 193 18.96 -5.91 25.40
CA LYS B 193 19.24 -7.24 24.88
C LYS B 193 18.51 -7.50 23.58
N VAL B 194 17.33 -6.90 23.45
CA VAL B 194 16.56 -6.97 22.21
C VAL B 194 17.33 -6.28 21.09
N ASP B 195 17.85 -5.10 21.38
CA ASP B 195 18.66 -4.35 20.43
C ASP B 195 19.93 -5.12 20.03
N ASP B 196 20.50 -5.85 20.99
CA ASP B 196 21.69 -6.65 20.71
C ASP B 196 21.37 -7.78 19.74
N PHE B 197 20.20 -8.39 19.92
CA PHE B 197 19.76 -9.48 19.05
C PHE B 197 19.60 -8.98 17.62
N TYR B 198 18.95 -7.84 17.46
CA TYR B 198 18.77 -7.23 16.15
C TYR B 198 20.09 -6.78 15.55
N ARG B 199 20.98 -6.28 16.40
CA ARG B 199 22.29 -5.81 15.96
C ARG B 199 23.13 -6.98 15.44
N ASP B 200 23.03 -8.12 16.09
CA ASP B 200 23.78 -9.31 15.67
C ASP B 200 23.27 -9.87 14.33
N ILE B 201 21.96 -9.79 14.13
CA ILE B 201 21.35 -10.24 12.88
C ILE B 201 21.83 -9.39 11.71
N LEU B 202 21.78 -8.08 11.90
CA LEU B 202 22.10 -7.12 10.83
C LEU B 202 23.57 -7.15 10.42
N GLU B 203 24.44 -7.59 11.33
CA GLU B 203 25.86 -7.69 11.03
C GLU B 203 26.18 -8.96 10.25
N ASN B 204 25.25 -9.90 10.26
CA ASN B 204 25.42 -11.14 9.51
C ASN B 204 24.91 -11.01 8.08
N GLU B 205 25.85 -10.87 7.14
CA GLU B 205 25.52 -10.63 5.74
C GLU B 205 24.81 -11.79 5.05
N ILE B 206 24.81 -12.96 5.68
CA ILE B 206 24.25 -14.16 5.09
C ILE B 206 22.73 -14.09 4.91
N TYR B 207 22.08 -13.23 5.69
CA TYR B 207 20.63 -13.11 5.65
C TYR B 207 20.17 -12.15 4.56
N PHE B 208 21.07 -11.28 4.13
CA PHE B 208 20.70 -10.19 3.24
C PHE B 208 21.43 -10.29 1.90
N LYS B 209 22.21 -11.35 1.75
CA LYS B 209 22.92 -11.62 0.50
C LYS B 209 22.13 -12.61 -0.34
N TYR B 210 21.31 -12.09 -1.24
CA TYR B 210 20.51 -12.93 -2.12
C TYR B 210 20.08 -12.17 -3.37
N TYR B 211 19.77 -12.92 -4.43
CA TYR B 211 19.24 -12.33 -5.64
C TYR B 211 17.72 -12.32 -5.58
N PRO B 212 17.12 -11.12 -5.51
CA PRO B 212 15.67 -10.94 -5.40
C PRO B 212 14.90 -11.57 -6.55
N CYS B 213 13.87 -12.34 -6.23
CA CYS B 213 12.99 -12.94 -7.23
C CYS B 213 11.60 -13.09 -6.64
N LEU B 214 10.63 -13.43 -7.49
CA LEU B 214 9.26 -13.62 -7.04
C LEU B 214 9.17 -14.86 -6.16
N ILE B 215 8.60 -14.71 -4.96
CA ILE B 215 8.43 -15.82 -4.05
C ILE B 215 6.99 -15.92 -3.54
N HIS B 216 6.61 -17.12 -3.10
CA HIS B 216 5.29 -17.34 -2.55
C HIS B 216 5.21 -16.72 -1.16
N ASN B 217 6.31 -16.83 -0.42
CA ASN B 217 6.47 -16.20 0.89
C ASN B 217 5.59 -16.75 2.01
N ASP B 218 4.76 -17.74 1.68
CA ASP B 218 3.95 -18.44 2.67
C ASP B 218 3.78 -19.89 2.23
N PHE B 219 4.88 -20.45 1.73
CA PHE B 219 4.89 -21.77 1.13
C PHE B 219 4.89 -22.85 2.21
N SER B 220 3.71 -23.15 2.74
CA SER B 220 3.58 -24.18 3.76
C SER B 220 2.66 -25.31 3.31
N SER B 221 2.56 -26.36 4.12
CA SER B 221 1.81 -27.56 3.77
C SER B 221 0.32 -27.32 3.55
N ASP B 222 -0.25 -26.41 4.32
CA ASP B 222 -1.68 -26.15 4.24
C ASP B 222 -2.06 -25.35 2.98
N HIS B 223 -1.05 -24.92 2.24
CA HIS B 223 -1.28 -24.19 0.99
C HIS B 223 -0.87 -25.03 -0.21
N ILE B 224 -0.60 -26.31 0.03
CA ILE B 224 -0.28 -27.24 -1.04
C ILE B 224 -1.39 -28.29 -1.16
N LEU B 225 -2.16 -28.19 -2.24
CA LEU B 225 -3.29 -29.08 -2.45
C LEU B 225 -2.88 -30.40 -3.09
N PHE B 226 -3.60 -31.46 -2.75
CA PHE B 226 -3.19 -32.81 -3.13
C PHE B 226 -4.37 -33.66 -3.62
N ASP B 227 -4.15 -34.38 -4.71
CA ASP B 227 -5.15 -35.29 -5.24
C ASP B 227 -4.86 -36.70 -4.75
N THR B 228 -5.67 -37.17 -3.81
CA THR B 228 -5.44 -38.47 -3.17
C THR B 228 -5.75 -39.65 -4.07
N GLU B 229 -6.39 -39.39 -5.20
CA GLU B 229 -6.69 -40.44 -6.18
C GLU B 229 -5.47 -40.71 -7.06
N LYS B 230 -4.85 -39.63 -7.53
CA LYS B 230 -3.69 -39.73 -8.41
C LYS B 230 -2.40 -39.76 -7.60
N ASN B 231 -2.51 -39.42 -6.32
CA ASN B 231 -1.34 -39.26 -5.45
C ASN B 231 -0.32 -38.26 -6.01
N THR B 232 -0.83 -37.15 -6.53
CA THR B 232 0.01 -36.07 -7.02
C THR B 232 -0.50 -34.72 -6.53
N ILE B 233 0.39 -33.74 -6.45
CA ILE B 233 0.02 -32.38 -6.06
C ILE B 233 -0.79 -31.72 -7.18
N CYS B 234 -1.93 -31.13 -6.81
CA CYS B 234 -2.85 -30.59 -7.81
C CYS B 234 -3.10 -29.09 -7.67
N GLY B 235 -2.25 -28.40 -6.90
CA GLY B 235 -2.39 -26.97 -6.76
C GLY B 235 -1.63 -26.29 -5.64
N ILE B 236 -1.33 -25.01 -5.83
CA ILE B 236 -0.72 -24.16 -4.81
C ILE B 236 -1.60 -22.94 -4.61
N ILE B 237 -1.99 -22.66 -3.37
CA ILE B 237 -2.95 -21.60 -3.09
C ILE B 237 -2.42 -20.50 -2.17
N ASP B 238 -3.25 -19.48 -1.96
CA ASP B 238 -2.96 -18.38 -1.03
C ASP B 238 -1.66 -17.63 -1.35
N PHE B 239 -1.74 -16.72 -2.32
CA PHE B 239 -0.59 -15.94 -2.75
C PHE B 239 -0.62 -14.53 -2.17
N GLY B 240 -1.35 -14.35 -1.07
CA GLY B 240 -1.52 -13.04 -0.47
C GLY B 240 -0.24 -12.42 0.06
N ASP B 241 0.69 -13.26 0.51
CA ASP B 241 1.94 -12.78 1.08
C ASP B 241 3.07 -12.74 0.04
N ALA B 242 2.75 -13.13 -1.19
CA ALA B 242 3.75 -13.19 -2.25
C ALA B 242 4.43 -11.85 -2.48
N ALA B 243 5.73 -11.90 -2.74
CA ALA B 243 6.53 -10.69 -2.90
C ALA B 243 7.83 -10.98 -3.65
N ILE B 244 8.62 -9.93 -3.88
CA ILE B 244 9.92 -10.08 -4.49
C ILE B 244 11.00 -10.02 -3.41
N SER B 245 11.51 -11.18 -3.01
CA SER B 245 12.47 -11.25 -1.92
C SER B 245 13.39 -12.46 -2.03
N ASP B 246 13.77 -13.02 -0.88
CA ASP B 246 14.70 -14.14 -0.82
C ASP B 246 14.00 -15.45 -1.18
N PRO B 247 14.48 -16.13 -2.23
CA PRO B 247 13.96 -17.44 -2.63
C PRO B 247 14.06 -18.49 -1.53
N ASP B 248 15.00 -18.33 -0.62
CA ASP B 248 15.17 -19.28 0.48
C ASP B 248 14.01 -19.25 1.47
N ASN B 249 13.18 -18.22 1.39
CA ASN B 249 11.99 -18.13 2.21
C ASN B 249 11.02 -19.27 1.96
N ASP B 250 10.96 -19.72 0.70
CA ASP B 250 10.02 -20.76 0.30
C ASP B 250 10.49 -22.15 0.73
N PHE B 251 11.73 -22.26 1.17
CA PHE B 251 12.27 -23.53 1.63
C PHE B 251 12.15 -23.65 3.16
N ILE B 252 12.56 -22.60 3.85
CA ILE B 252 12.55 -22.60 5.31
C ILE B 252 11.14 -22.69 5.90
N SER B 253 10.15 -22.29 5.10
CA SER B 253 8.76 -22.37 5.52
C SER B 253 8.25 -23.81 5.53
N LEU B 254 9.02 -24.71 4.92
CA LEU B 254 8.65 -26.13 4.86
C LEU B 254 9.50 -26.98 5.79
N GLU B 256 10.04 -26.63 9.08
CA GLU B 256 9.57 -26.74 10.47
C GLU B 256 9.14 -28.17 10.78
N ASP B 257 9.53 -28.67 11.94
CA ASP B 257 9.25 -30.05 12.30
C ASP B 257 7.84 -30.23 12.88
N ASP B 258 7.37 -29.22 13.61
CA ASP B 258 6.06 -29.28 14.24
C ASP B 258 4.90 -29.30 13.24
N GLU B 259 4.81 -28.26 12.42
CA GLU B 259 3.67 -28.11 11.53
C GLU B 259 3.98 -28.40 10.05
N GLU B 260 5.25 -28.64 9.74
CA GLU B 260 5.64 -28.84 8.35
C GLU B 260 6.37 -30.16 8.08
N TYR B 261 7.15 -30.18 7.00
CA TYR B 261 7.70 -31.42 6.47
C TYR B 261 9.01 -31.86 7.12
N GLY B 262 9.87 -30.90 7.48
CA GLY B 262 11.16 -31.21 8.06
C GLY B 262 12.28 -31.18 7.03
N GLU B 264 14.49 -33.36 6.09
CA GLU B 264 14.72 -34.56 5.30
C GLU B 264 13.99 -34.49 3.96
N PHE B 265 12.75 -34.03 3.99
CA PHE B 265 11.94 -33.94 2.79
C PHE B 265 12.33 -32.71 1.96
N VAL B 266 12.64 -31.61 2.65
CA VAL B 266 13.04 -30.39 1.97
C VAL B 266 14.39 -30.58 1.25
N SER B 267 15.24 -31.42 1.82
CA SER B 267 16.52 -31.76 1.20
C SER B 267 16.32 -32.36 -0.19
N LYS B 268 15.23 -33.13 -0.34
CA LYS B 268 14.88 -33.70 -1.63
C LYS B 268 14.44 -32.60 -2.59
N ILE B 269 13.69 -31.64 -2.08
CA ILE B 269 13.26 -30.50 -2.88
C ILE B 269 14.47 -29.70 -3.33
N LEU B 270 15.40 -29.47 -2.40
CA LEU B 270 16.61 -28.71 -2.67
C LEU B 270 17.50 -29.36 -3.73
N ASN B 271 17.49 -30.68 -3.78
CA ASN B 271 18.26 -31.42 -4.77
C ASN B 271 17.73 -31.22 -6.18
N HIS B 272 16.42 -31.37 -6.35
CA HIS B 272 15.78 -31.15 -7.65
C HIS B 272 15.82 -29.67 -8.02
N TYR B 273 15.92 -28.81 -7.00
CA TYR B 273 15.96 -27.37 -7.20
C TYR B 273 17.36 -26.93 -7.63
N LYS B 274 18.33 -27.84 -7.49
CA LYS B 274 19.73 -27.56 -7.80
C LYS B 274 20.30 -26.44 -6.92
N HIS B 275 19.87 -26.40 -5.65
CA HIS B 275 20.36 -25.39 -4.73
C HIS B 275 21.83 -25.65 -4.39
N LYS B 276 22.66 -24.61 -4.53
CA LYS B 276 24.10 -24.77 -4.35
C LYS B 276 24.60 -24.43 -2.95
N ASP B 277 23.76 -23.78 -2.15
CA ASP B 277 24.18 -23.37 -0.81
C ASP B 277 23.19 -23.78 0.27
N ILE B 278 23.08 -25.09 0.47
CA ILE B 278 22.19 -25.64 1.51
C ILE B 278 22.51 -25.19 2.95
N PRO B 279 23.80 -25.14 3.36
CA PRO B 279 24.09 -24.66 4.72
C PRO B 279 23.56 -23.24 4.99
N THR B 280 23.47 -22.42 3.96
CA THR B 280 22.92 -21.07 4.11
C THR B 280 21.43 -21.14 4.42
N VAL B 281 20.73 -22.07 3.78
CA VAL B 281 19.30 -22.26 4.05
C VAL B 281 19.09 -22.71 5.49
N LEU B 282 20.01 -23.52 6.00
CA LEU B 282 19.94 -24.00 7.38
C LEU B 282 20.06 -22.84 8.37
N GLU B 283 21.00 -21.94 8.10
CA GLU B 283 21.25 -20.79 8.98
C GLU B 283 20.08 -19.80 8.95
N LYS B 284 19.50 -19.60 7.77
CA LYS B 284 18.34 -18.73 7.64
C LYS B 284 17.14 -19.30 8.39
N TYR B 285 17.01 -20.62 8.37
CA TYR B 285 15.93 -21.30 9.07
C TYR B 285 16.06 -21.14 10.58
N ARG B 286 17.27 -21.34 11.09
CA ARG B 286 17.53 -21.26 12.52
C ARG B 286 17.25 -19.86 13.06
N LYS B 288 15.23 -17.72 11.65
CA LYS B 288 13.79 -17.55 11.49
C LYS B 288 13.03 -18.11 12.69
N GLU B 289 13.43 -19.28 13.17
CA GLU B 289 12.77 -19.91 14.31
CA GLU B 289 12.77 -19.91 14.30
C GLU B 289 12.98 -19.11 15.60
N LYS B 290 14.12 -18.45 15.70
CA LYS B 290 14.43 -17.62 16.86
C LYS B 290 13.69 -16.29 16.77
N TYR B 291 13.36 -15.91 15.53
CA TYR B 291 12.76 -14.61 15.28
C TYR B 291 11.25 -14.63 15.49
N TRP B 292 10.70 -15.82 15.67
CA TRP B 292 9.25 -16.00 15.79
C TRP B 292 8.63 -15.24 16.97
N SER B 293 9.39 -15.11 18.04
CA SER B 293 8.92 -14.40 19.23
C SER B 293 8.63 -12.94 18.91
N PHE B 294 9.53 -12.31 18.16
CA PHE B 294 9.36 -10.92 17.78
C PHE B 294 8.25 -10.75 16.75
N GLU B 295 8.13 -11.72 15.85
CA GLU B 295 7.07 -11.71 14.84
CA GLU B 295 7.08 -11.69 14.83
C GLU B 295 5.70 -11.74 15.50
N LYS B 296 5.57 -12.59 16.51
CA LYS B 296 4.31 -12.71 17.25
C LYS B 296 3.90 -11.40 17.92
N ILE B 297 4.87 -10.63 18.38
CA ILE B 297 4.60 -9.34 19.00
C ILE B 297 4.13 -8.33 17.97
N ILE B 298 4.89 -8.20 16.89
CA ILE B 298 4.59 -7.23 15.84
C ILE B 298 3.31 -7.59 15.09
N TYR B 299 3.25 -8.82 14.59
CA TYR B 299 2.08 -9.31 13.85
C TYR B 299 0.85 -9.36 14.77
N GLY B 300 1.07 -9.64 16.04
CA GLY B 300 0.00 -9.74 17.01
C GLY B 300 -0.64 -8.41 17.34
N LYS B 301 0.18 -7.47 17.82
CA LYS B 301 -0.29 -6.13 18.17
C LYS B 301 -0.89 -5.42 16.96
N GLU B 302 -0.42 -5.81 15.78
CA GLU B 302 -0.91 -5.27 14.53
C GLU B 302 -2.38 -5.65 14.31
N TYR B 303 -2.64 -6.95 14.31
CA TYR B 303 -3.98 -7.47 14.07
C TYR B 303 -4.88 -7.34 15.29
N GLY B 304 -4.26 -7.18 16.46
CA GLY B 304 -5.02 -7.08 17.70
C GLY B 304 -5.02 -8.40 18.46
N TYR B 305 -4.18 -9.32 18.01
CA TYR B 305 -4.04 -10.61 18.68
C TYR B 305 -3.28 -10.45 19.98
N ASP B 307 -3.17 -12.45 22.52
CA ASP B 307 -2.57 -13.70 22.94
C ASP B 307 -1.17 -13.87 22.34
N TRP B 308 -1.03 -13.56 21.06
CA TRP B 308 0.26 -13.65 20.38
C TRP B 308 1.22 -12.56 20.87
N TYR B 309 0.66 -11.40 21.17
CA TYR B 309 1.44 -10.28 21.68
C TYR B 309 2.07 -10.62 23.02
N GLU B 310 1.24 -11.07 23.96
CA GLU B 310 1.71 -11.41 25.30
C GLU B 310 2.54 -12.69 25.30
N GLU B 311 2.26 -13.58 24.34
CA GLU B 311 3.02 -14.81 24.20
C GLU B 311 4.45 -14.46 23.81
N GLY B 312 4.59 -13.66 22.76
CA GLY B 312 5.89 -13.20 22.30
C GLY B 312 6.58 -12.35 23.34
N LEU B 313 5.81 -11.50 24.02
CA LEU B 313 6.36 -10.61 25.04
C LEU B 313 7.03 -11.38 26.18
N ASN B 314 6.40 -12.47 26.59
CA ASN B 314 6.95 -13.32 27.65
C ASN B 314 8.22 -14.03 27.20
N GLU B 315 8.23 -14.48 25.95
CA GLU B 315 9.39 -15.17 25.39
C GLU B 315 10.58 -14.22 25.28
N ILE B 316 10.30 -12.95 25.01
CA ILE B 316 11.34 -11.94 24.92
C ILE B 316 11.93 -11.64 26.30
N ARG B 317 11.08 -11.63 27.32
CA ARG B 317 11.52 -11.40 28.68
C ARG B 317 12.34 -12.58 29.23
N SER B 318 12.21 -13.73 28.59
CA SER B 318 12.83 -14.95 29.09
C SER B 318 14.31 -15.06 28.73
N ILE B 319 14.86 -16.25 28.93
CA ILE B 319 16.29 -16.50 28.75
C ILE B 319 16.67 -16.69 27.29
N LYS B 320 15.66 -16.86 26.44
CA LYS B 320 15.86 -17.04 25.01
C LYS B 320 16.71 -15.92 24.41
N ILE B 321 16.38 -14.69 24.78
CA ILE B 321 17.20 -13.55 24.40
C ILE B 321 18.51 -13.60 25.19
N LYS B 322 19.61 -13.85 24.48
CA LYS B 322 20.89 -14.20 25.08
C LYS B 322 20.81 -15.52 25.86
#